data_7KPT
#
_entry.id   7KPT
#
_cell.length_a   157.279
_cell.length_b   48.527
_cell.length_c   67.643
_cell.angle_alpha   90.000
_cell.angle_beta   114.488
_cell.angle_gamma   90.000
#
_symmetry.space_group_name_H-M   'C 1 2 1'
#
loop_
_entity.id
_entity.type
_entity.pdbx_description
1 polymer 'FAD-dependent monooxygenase CtdE'
2 non-polymer 'FLAVIN-ADENINE DINUCLEOTIDE'
3 non-polymer (6aR,7aS,11S,13aS)-6,6,11-trimethyl-4-(3-methylbut-2-en-1-yl)-6,6a,7,8,9,10,11,14-octahydro-5H,13H-13a,7a-(epiminomethano)quinolizino[2,3-b]carbazol-16-one
4 non-polymer 1,2-ETHANEDIOL
5 non-polymer 'CHLORIDE ION'
6 water water
#
_entity_poly.entity_id   1
_entity_poly.type   'polypeptide(L)'
_entity_poly.pdbx_seq_one_letter_code
;MTKTPEAPVPRTMEKDHTQQINVIIVGLGIAGLTAAIECHRKGHKVIAFEKTPKMMHIGDIFSIGPNAESVIRQWKDGAI
SRALNEARCAIDEIKVFDETGKLQNVNTMEGYREGEGYVINRAEAVDIFFEYAQSLGIDIRFNSNVTEYWETPHNAGIIV
DGLKIEADCVIATDGIHSKARNAICGAVVQPKKTGSAIYRSGYAMEELRGHSGAVWLTEGKEDVDQLYHFIGKDITVLVG
TGRRGKDVYWGCMHKSLHDVSESWIQVSDVRRAIELISDWNVRDRLEPIMACTPQGKCFDHLVMTMDQLPSWVSPKHRMI
VLGDAAHPFLPNTGQGANQAIEDGATVAICLELAGKNQVTKGVQVAERLRYQRVAKIQELGHRMLKTLQNADWDGEKDED
APTMITRPAWIYSHDCQQYAYNEFQTVAQLVSERRDFHHHHHH
;
_entity_poly.pdbx_strand_id   A
#
# COMPACT_ATOMS: atom_id res chain seq x y z
N GLN A 20 6.68 26.99 14.85
CA GLN A 20 6.91 25.82 14.00
C GLN A 20 6.71 24.51 14.75
N ILE A 21 5.86 23.65 14.20
CA ILE A 21 5.51 22.38 14.81
C ILE A 21 6.63 21.37 14.57
N ASN A 22 7.06 20.67 15.62
CA ASN A 22 8.06 19.61 15.48
C ASN A 22 7.35 18.26 15.44
N VAL A 23 7.60 17.50 14.37
CA VAL A 23 6.97 16.20 14.17
C VAL A 23 8.04 15.13 14.13
N ILE A 24 7.79 14.01 14.82
CA ILE A 24 8.59 12.81 14.68
C ILE A 24 7.79 11.81 13.88
N ILE A 25 8.40 11.24 12.84
CA ILE A 25 7.75 10.20 12.03
C ILE A 25 8.56 8.93 12.19
N VAL A 26 7.89 7.82 12.46
CA VAL A 26 8.56 6.53 12.63
C VAL A 26 8.08 5.58 11.55
N GLY A 27 9.00 5.16 10.69
CA GLY A 27 8.71 4.23 9.62
C GLY A 27 8.57 4.95 8.30
N LEU A 28 9.39 4.60 7.31
CA LEU A 28 9.35 5.37 6.08
C LEU A 28 9.00 4.48 4.88
N GLY A 29 7.85 3.81 4.95
CA GLY A 29 7.22 3.29 3.76
C GLY A 29 6.49 4.44 3.09
N ILE A 30 5.53 4.08 2.22
CA ILE A 30 4.70 5.09 1.56
C ILE A 30 4.03 6.03 2.57
N ALA A 31 3.50 5.47 3.67
CA ALA A 31 2.78 6.31 4.63
C ALA A 31 3.72 7.32 5.28
N GLY A 32 4.86 6.85 5.79
CA GLY A 32 5.78 7.77 6.44
C GLY A 32 6.44 8.74 5.49
N LEU A 33 6.80 8.28 4.28
CA LEU A 33 7.38 9.20 3.31
C LEU A 33 6.40 10.30 2.92
N THR A 34 5.13 9.94 2.69
CA THR A 34 4.13 10.95 2.34
C THR A 34 3.90 11.92 3.50
N ALA A 35 3.78 11.40 4.72
CA ALA A 35 3.62 12.30 5.86
C ALA A 35 4.82 13.26 5.98
N ALA A 36 6.04 12.75 5.79
CA ALA A 36 7.23 13.60 5.90
C ALA A 36 7.23 14.68 4.85
N ILE A 37 6.99 14.30 3.60
CA ILE A 37 6.97 15.26 2.50
C ILE A 37 5.89 16.30 2.73
N GLU A 38 4.67 15.84 3.02
CA GLU A 38 3.57 16.79 3.21
C GLU A 38 3.76 17.64 4.47
N CYS A 39 4.23 17.04 5.56
CA CYS A 39 4.51 17.86 6.75
C CYS A 39 5.57 18.92 6.44
N HIS A 40 6.64 18.54 5.76
CA HIS A 40 7.65 19.53 5.36
C HIS A 40 7.07 20.61 4.46
N ARG A 41 6.26 20.23 3.46
CA ARG A 41 5.68 21.23 2.57
C ARG A 41 4.75 22.19 3.30
N LYS A 42 4.09 21.73 4.36
CA LYS A 42 3.20 22.58 5.12
C LYS A 42 3.93 23.34 6.22
N GLY A 43 5.27 23.30 6.23
CA GLY A 43 6.10 24.10 7.10
C GLY A 43 6.47 23.51 8.44
N HIS A 44 6.15 22.25 8.70
CA HIS A 44 6.57 21.61 9.94
C HIS A 44 8.04 21.17 9.86
N LYS A 45 8.66 20.97 11.02
CA LYS A 45 10.02 20.45 11.09
C LYS A 45 9.95 18.96 11.36
N VAL A 46 10.45 18.15 10.44
CA VAL A 46 10.26 16.70 10.48
C VAL A 46 11.56 16.03 10.89
N ILE A 47 11.49 15.07 11.80
CA ILE A 47 12.57 14.11 12.04
C ILE A 47 12.02 12.72 11.80
N ALA A 48 12.57 12.03 10.82
CA ALA A 48 12.01 10.76 10.39
C ALA A 48 12.96 9.60 10.70
N PHE A 49 12.42 8.50 11.21
CA PHE A 49 13.21 7.38 11.69
C PHE A 49 12.83 6.12 10.95
N GLU A 50 13.83 5.33 10.54
CA GLU A 50 13.56 4.12 9.77
C GLU A 50 14.49 3.00 10.23
N LYS A 51 13.91 1.81 10.41
CA LYS A 51 14.61 0.65 10.95
C LYS A 51 15.63 0.06 9.98
N THR A 52 15.31 0.05 8.69
CA THR A 52 16.21 -0.56 7.72
C THR A 52 17.40 0.37 7.46
N PRO A 53 18.49 -0.13 6.85
CA PRO A 53 19.64 0.73 6.54
C PRO A 53 19.43 1.68 5.39
N LYS A 54 18.50 1.37 4.50
CA LYS A 54 18.20 2.16 3.31
C LYS A 54 16.84 1.67 2.84
N MET A 55 16.29 2.30 1.80
CA MET A 55 15.03 1.80 1.29
C MET A 55 15.21 0.39 0.75
N MET A 56 14.40 -0.55 1.22
CA MET A 56 14.51 -1.94 0.80
C MET A 56 13.10 -2.52 0.67
N HIS A 57 12.64 -2.62 -0.56
CA HIS A 57 11.26 -3.01 -0.81
C HIS A 57 11.23 -4.11 -1.86
N ILE A 58 10.17 -4.90 -1.80
CA ILE A 58 9.96 -5.96 -2.77
C ILE A 58 9.73 -5.33 -4.14
N GLY A 59 10.40 -5.86 -5.16
CA GLY A 59 10.26 -5.32 -6.49
C GLY A 59 9.12 -5.92 -7.29
N ASP A 60 7.94 -5.92 -6.71
CA ASP A 60 6.75 -6.30 -7.42
C ASP A 60 6.09 -5.00 -7.87
N ILE A 61 4.79 -5.03 -8.13
CA ILE A 61 4.05 -3.86 -8.60
C ILE A 61 2.90 -3.55 -7.66
N PHE A 62 2.52 -2.28 -7.63
CA PHE A 62 1.32 -1.85 -6.95
C PHE A 62 0.68 -0.75 -7.80
N SER A 63 -0.52 -0.33 -7.41
CA SER A 63 -1.26 0.68 -8.15
C SER A 63 -1.51 1.88 -7.27
N ILE A 64 -1.42 3.06 -7.89
CA ILE A 64 -1.67 4.34 -7.25
C ILE A 64 -2.76 5.00 -8.07
N GLY A 65 -3.92 5.28 -7.46
CA GLY A 65 -5.01 5.82 -8.24
C GLY A 65 -5.18 7.32 -8.11
N PRO A 66 -6.25 7.83 -8.72
CA PRO A 66 -6.42 9.29 -8.83
C PRO A 66 -6.53 9.99 -7.50
N ASN A 67 -7.08 9.33 -6.49
CA ASN A 67 -7.24 9.95 -5.20
C ASN A 67 -5.89 10.15 -4.52
N ALA A 68 -4.86 9.40 -4.93
CA ALA A 68 -3.51 9.69 -4.47
C ALA A 68 -2.73 10.54 -5.47
N GLU A 69 -2.98 10.39 -6.78
CA GLU A 69 -2.32 11.26 -7.75
C GLU A 69 -2.64 12.74 -7.50
N SER A 70 -3.81 13.06 -6.96
CA SER A 70 -4.07 14.48 -6.75
C SER A 70 -3.19 15.07 -5.65
N VAL A 71 -2.67 14.23 -4.74
CA VAL A 71 -1.64 14.66 -3.80
C VAL A 71 -0.31 14.79 -4.52
N ILE A 72 0.10 13.74 -5.23
CA ILE A 72 1.44 13.66 -5.82
C ILE A 72 1.64 14.74 -6.87
N ARG A 73 0.60 15.03 -7.66
CA ARG A 73 0.70 15.99 -8.76
C ARG A 73 1.15 17.37 -8.30
N GLN A 74 0.98 17.71 -7.01
CA GLN A 74 1.41 19.00 -6.48
C GLN A 74 2.90 19.09 -6.22
N TRP A 75 3.61 17.97 -6.19
CA TRP A 75 5.03 17.97 -5.82
C TRP A 75 5.93 18.40 -6.98
N LYS A 76 6.70 19.46 -6.77
CA LYS A 76 7.79 19.84 -7.68
C LYS A 76 7.27 20.09 -9.09
N ASP A 77 6.14 20.79 -9.19
CA ASP A 77 5.54 21.14 -10.49
C ASP A 77 5.30 19.92 -11.37
N GLY A 78 4.91 18.82 -10.74
CA GLY A 78 4.63 17.63 -11.52
C GLY A 78 5.82 16.72 -11.80
N ALA A 79 7.03 17.06 -11.34
CA ALA A 79 8.18 16.24 -11.71
C ALA A 79 8.09 14.83 -11.12
N ILE A 80 7.49 14.69 -9.94
CA ILE A 80 7.36 13.35 -9.37
C ILE A 80 6.35 12.53 -10.15
N SER A 81 5.20 13.15 -10.48
CA SER A 81 4.21 12.45 -11.31
C SER A 81 4.83 12.03 -12.64
N ARG A 82 5.65 12.88 -13.23
CA ARG A 82 6.26 12.55 -14.52
C ARG A 82 7.24 11.39 -14.37
N ALA A 83 7.96 11.33 -13.25
CA ALA A 83 8.88 10.22 -13.04
C ALA A 83 8.13 8.91 -12.80
N LEU A 84 7.04 8.95 -12.02
CA LEU A 84 6.18 7.77 -11.91
C LEU A 84 5.62 7.36 -13.27
N ASN A 85 5.19 8.34 -14.06
CA ASN A 85 4.64 8.02 -15.38
C ASN A 85 5.68 7.34 -16.25
N GLU A 86 6.93 7.82 -16.18
CA GLU A 86 8.01 7.22 -16.98
C GLU A 86 8.23 5.76 -16.62
N ALA A 87 7.99 5.41 -15.35
CA ALA A 87 8.32 4.09 -14.85
C ALA A 87 7.12 3.14 -14.86
N ARG A 88 5.99 3.58 -15.40
CA ARG A 88 4.73 2.84 -15.30
C ARG A 88 4.73 1.55 -16.11
N CYS A 89 3.86 0.64 -15.70
CA CYS A 89 3.40 -0.44 -16.56
C CYS A 89 2.37 0.13 -17.55
N ALA A 90 2.72 0.14 -18.83
CA ALA A 90 1.90 0.79 -19.85
C ALA A 90 0.79 -0.16 -20.32
N ILE A 91 -0.18 -0.37 -19.43
CA ILE A 91 -1.19 -1.41 -19.61
C ILE A 91 -2.43 -0.78 -20.24
N ASP A 92 -2.94 -1.42 -21.29
CA ASP A 92 -4.12 -0.93 -22.00
C ASP A 92 -5.41 -1.60 -21.51
N GLU A 93 -5.33 -2.82 -21.01
CA GLU A 93 -6.54 -3.56 -20.64
C GLU A 93 -6.12 -4.65 -19.67
N ILE A 94 -7.09 -5.17 -18.93
CA ILE A 94 -6.88 -6.33 -18.07
C ILE A 94 -7.71 -7.47 -18.64
N LYS A 95 -7.06 -8.59 -18.93
CA LYS A 95 -7.72 -9.79 -19.44
C LYS A 95 -7.93 -10.75 -18.27
N VAL A 96 -9.17 -11.16 -18.08
CA VAL A 96 -9.59 -11.94 -16.93
C VAL A 96 -10.01 -13.32 -17.44
N PHE A 97 -9.30 -14.35 -16.99
CA PHE A 97 -9.55 -15.74 -17.34
C PHE A 97 -10.02 -16.54 -16.14
N ASP A 98 -10.68 -17.66 -16.40
CA ASP A 98 -10.92 -18.64 -15.35
C ASP A 98 -9.80 -19.68 -15.38
N GLU A 99 -9.89 -20.67 -14.47
CA GLU A 99 -8.80 -21.63 -14.32
C GLU A 99 -8.70 -22.58 -15.51
N THR A 100 -9.74 -22.66 -16.34
CA THR A 100 -9.67 -23.49 -17.53
C THR A 100 -8.94 -22.81 -18.68
N GLY A 101 -8.68 -21.50 -18.56
CA GLY A 101 -8.12 -20.72 -19.66
C GLY A 101 -9.12 -20.03 -20.53
N LYS A 102 -10.38 -20.04 -20.15
CA LYS A 102 -11.39 -19.31 -20.91
C LYS A 102 -11.38 -17.84 -20.53
N LEU A 103 -11.32 -16.98 -21.55
CA LEU A 103 -11.40 -15.54 -21.33
C LEU A 103 -12.80 -15.20 -20.85
N GLN A 104 -12.90 -14.62 -19.65
CA GLN A 104 -14.20 -14.30 -19.07
C GLN A 104 -14.55 -12.82 -19.15
N ASN A 105 -13.56 -11.93 -19.17
CA ASN A 105 -13.86 -10.52 -19.15
C ASN A 105 -12.61 -9.76 -19.57
N VAL A 106 -12.82 -8.59 -20.17
CA VAL A 106 -11.76 -7.64 -20.44
C VAL A 106 -12.14 -6.34 -19.75
N ASN A 107 -11.28 -5.88 -18.83
CA ASN A 107 -11.49 -4.61 -18.13
C ASN A 107 -10.64 -3.50 -18.74
N THR A 108 -11.16 -2.29 -18.70
CA THR A 108 -10.43 -1.08 -18.98
C THR A 108 -9.49 -0.72 -17.84
N MET A 109 -8.57 0.21 -18.12
CA MET A 109 -7.63 0.70 -17.13
C MET A 109 -8.04 2.09 -16.63
N GLU A 110 -9.35 2.37 -16.60
CA GLU A 110 -9.83 3.62 -16.06
C GLU A 110 -9.31 3.81 -14.64
N GLY A 111 -8.77 5.01 -14.36
CA GLY A 111 -8.13 5.32 -13.10
C GLY A 111 -6.62 5.16 -13.12
N TYR A 112 -6.08 4.48 -14.14
CA TYR A 112 -4.65 4.17 -14.21
C TYR A 112 -4.03 4.51 -15.56
N ARG A 113 -4.69 5.34 -16.34
CA ARG A 113 -4.16 5.80 -17.61
C ARG A 113 -3.33 7.06 -17.37
N GLU A 114 -2.74 7.58 -18.44
CA GLU A 114 -1.93 8.79 -18.31
C GLU A 114 -2.72 9.89 -17.62
N GLY A 115 -2.07 10.52 -16.63
CA GLY A 115 -2.65 11.61 -15.89
C GLY A 115 -3.58 11.19 -14.78
N GLU A 116 -3.97 9.92 -14.71
CA GLU A 116 -4.92 9.43 -13.69
C GLU A 116 -4.24 8.79 -12.49
N GLY A 117 -3.22 7.99 -12.74
CA GLY A 117 -2.80 6.99 -11.78
C GLY A 117 -1.82 6.09 -12.50
N TYR A 118 -1.29 5.11 -11.75
CA TYR A 118 -0.17 4.31 -12.24
C TYR A 118 -0.24 2.91 -11.68
N VAL A 119 0.06 1.92 -12.53
CA VAL A 119 0.56 0.64 -12.07
C VAL A 119 2.08 0.70 -12.23
N ILE A 120 2.81 0.43 -11.15
CA ILE A 120 4.24 0.74 -11.14
C ILE A 120 4.98 -0.19 -10.21
N ASN A 121 6.27 -0.43 -10.52
CA ASN A 121 7.14 -1.20 -9.64
C ASN A 121 7.22 -0.54 -8.27
N ARG A 122 6.91 -1.31 -7.23
CA ARG A 122 6.83 -0.82 -5.86
C ARG A 122 8.16 -0.23 -5.40
N ALA A 123 9.26 -0.95 -5.59
CA ALA A 123 10.55 -0.42 -5.14
C ALA A 123 10.92 0.84 -5.91
N GLU A 124 10.63 0.89 -7.21
CA GLU A 124 10.88 2.09 -8.00
C GLU A 124 10.10 3.28 -7.48
N ALA A 125 8.82 3.10 -7.16
CA ALA A 125 7.98 4.19 -6.67
C ALA A 125 8.48 4.70 -5.32
N VAL A 126 8.85 3.78 -4.42
CA VAL A 126 9.35 4.19 -3.10
C VAL A 126 10.65 4.96 -3.26
N ASP A 127 11.54 4.50 -4.16
CA ASP A 127 12.79 5.22 -4.42
C ASP A 127 12.53 6.64 -4.91
N ILE A 128 11.54 6.81 -5.80
CA ILE A 128 11.16 8.15 -6.27
C ILE A 128 10.67 9.02 -5.12
N PHE A 129 9.79 8.48 -4.26
CA PHE A 129 9.32 9.25 -3.11
C PHE A 129 10.49 9.59 -2.18
N PHE A 130 11.33 8.59 -1.90
CA PHE A 130 12.47 8.80 -1.02
C PHE A 130 13.39 9.86 -1.59
N GLU A 131 13.74 9.74 -2.88
CA GLU A 131 14.66 10.71 -3.47
C GLU A 131 14.11 12.12 -3.32
N TYR A 132 12.80 12.30 -3.49
CA TYR A 132 12.18 13.62 -3.31
C TYR A 132 12.28 14.08 -1.86
N ALA A 133 11.94 13.21 -0.92
CA ALA A 133 11.98 13.58 0.50
C ALA A 133 13.40 13.98 0.90
N GLN A 134 14.39 13.22 0.44
CA GLN A 134 15.78 13.57 0.73
C GLN A 134 16.17 14.90 0.09
N SER A 135 15.75 15.11 -1.16
CA SER A 135 16.02 16.38 -1.85
C SER A 135 15.45 17.59 -1.10
N LEU A 136 14.39 17.41 -0.33
CA LEU A 136 13.81 18.54 0.39
C LEU A 136 14.61 18.89 1.64
N GLY A 137 15.62 18.10 1.99
CA GLY A 137 16.40 18.37 3.17
C GLY A 137 15.82 17.81 4.43
N ILE A 138 14.88 16.86 4.33
CA ILE A 138 14.25 16.30 5.51
C ILE A 138 15.27 15.47 6.28
N ASP A 139 15.30 15.63 7.60
CA ASP A 139 16.19 14.87 8.49
C ASP A 139 15.71 13.43 8.55
N ILE A 140 16.41 12.52 7.88
CA ILE A 140 16.03 11.12 7.79
C ILE A 140 17.10 10.27 8.47
N ARG A 141 16.70 9.42 9.41
CA ARG A 141 17.64 8.63 10.21
C ARG A 141 17.37 7.14 10.05
N PHE A 142 18.22 6.46 9.29
CA PHE A 142 18.10 5.03 9.09
C PHE A 142 18.68 4.28 10.29
N ASN A 143 18.59 2.95 10.25
CA ASN A 143 19.10 2.07 11.31
C ASN A 143 18.53 2.43 12.68
N SER A 144 17.29 2.87 12.70
CA SER A 144 16.65 3.29 13.95
C SER A 144 15.43 2.41 14.14
N ASN A 145 15.61 1.32 14.89
CA ASN A 145 14.51 0.44 15.28
C ASN A 145 13.87 1.05 16.53
N VAL A 146 12.71 1.68 16.35
CA VAL A 146 12.04 2.40 17.43
C VAL A 146 11.05 1.47 18.11
N THR A 147 11.14 1.36 19.44
CA THR A 147 10.11 0.66 20.20
C THR A 147 9.56 1.43 21.38
N GLU A 148 10.21 2.50 21.84
CA GLU A 148 9.77 3.21 23.03
C GLU A 148 9.20 4.58 22.68
N TYR A 149 7.99 4.81 23.15
CA TYR A 149 7.24 6.03 22.91
C TYR A 149 6.85 6.63 24.25
N TRP A 150 6.74 7.95 24.30
CA TRP A 150 6.29 8.58 25.54
C TRP A 150 5.59 9.89 25.20
N GLU A 151 4.71 10.32 26.09
CA GLU A 151 4.09 11.63 25.89
C GLU A 151 3.77 12.24 27.24
N THR A 152 3.59 13.57 27.24
CA THR A 152 3.23 14.39 28.39
C THR A 152 2.12 15.35 27.97
N PRO A 153 1.58 16.17 28.87
CA PRO A 153 0.64 17.19 28.41
C PRO A 153 1.28 18.21 27.51
N HIS A 154 2.62 18.28 27.46
CA HIS A 154 3.34 19.36 26.77
C HIS A 154 4.11 18.92 25.54
N ASN A 155 4.45 17.65 25.43
CA ASN A 155 5.26 17.19 24.31
C ASN A 155 5.17 15.66 24.25
N ALA A 156 5.91 15.10 23.30
CA ALA A 156 5.91 13.66 23.06
C ALA A 156 7.18 13.32 22.31
N GLY A 157 7.52 12.04 22.30
CA GLY A 157 8.65 11.63 21.51
C GLY A 157 8.95 10.17 21.66
N ILE A 158 10.19 9.83 21.35
CA ILE A 158 10.60 8.45 21.34
C ILE A 158 11.94 8.35 22.08
N ILE A 159 12.43 7.13 22.19
CA ILE A 159 13.74 6.83 22.77
C ILE A 159 14.53 6.07 21.72
N VAL A 160 15.63 6.66 21.28
CA VAL A 160 16.54 6.03 20.33
C VAL A 160 17.92 5.99 20.98
N ASP A 161 18.49 4.80 21.10
CA ASP A 161 19.83 4.66 21.65
C ASP A 161 19.91 5.26 23.05
N GLY A 162 18.88 5.01 23.86
CA GLY A 162 18.80 5.57 25.19
C GLY A 162 18.70 7.07 25.23
N LEU A 163 18.64 7.72 24.06
CA LEU A 163 18.46 9.16 23.97
C LEU A 163 16.99 9.49 23.75
N LYS A 164 16.51 10.49 24.47
CA LYS A 164 15.12 10.93 24.35
C LYS A 164 15.05 11.97 23.24
N ILE A 165 14.17 11.76 22.28
CA ILE A 165 13.97 12.73 21.21
C ILE A 165 12.58 13.31 21.36
N GLU A 166 12.50 14.63 21.44
CA GLU A 166 11.28 15.33 21.82
C GLU A 166 10.70 16.04 20.62
N ALA A 167 9.38 16.11 20.58
CA ALA A 167 8.70 16.86 19.53
C ALA A 167 7.34 17.29 20.06
N ASP A 168 6.55 17.90 19.18
CA ASP A 168 5.19 18.23 19.53
C ASP A 168 4.24 17.06 19.33
N CYS A 169 4.54 16.19 18.38
CA CYS A 169 3.69 15.02 18.14
C CYS A 169 4.51 13.93 17.45
N VAL A 170 4.00 12.72 17.47
CA VAL A 170 4.66 11.57 16.85
C VAL A 170 3.64 10.93 15.91
N ILE A 171 4.06 10.72 14.66
CA ILE A 171 3.28 10.00 13.67
C ILE A 171 3.95 8.64 13.49
N ALA A 172 3.22 7.58 13.81
CA ALA A 172 3.73 6.22 13.75
C ALA A 172 3.22 5.56 12.48
N THR A 173 4.11 5.35 11.52
CA THR A 173 3.73 4.75 10.25
C THR A 173 4.64 3.53 10.00
N ASP A 174 4.64 2.63 10.98
CA ASP A 174 5.59 1.53 10.97
C ASP A 174 4.97 0.20 10.56
N GLY A 175 3.89 0.26 9.78
CA GLY A 175 3.38 -0.91 9.08
C GLY A 175 2.50 -1.81 9.93
N ILE A 176 2.04 -2.91 9.31
CA ILE A 176 1.04 -3.75 9.98
C ILE A 176 1.60 -4.39 11.26
N HIS A 177 2.90 -4.64 11.33
CA HIS A 177 3.49 -5.19 12.55
C HIS A 177 4.02 -4.11 13.49
N SER A 178 3.37 -2.94 13.46
CA SER A 178 3.77 -1.78 14.25
C SER A 178 4.06 -2.12 15.71
N LYS A 179 5.25 -1.75 16.17
CA LYS A 179 5.49 -1.71 17.62
C LYS A 179 4.85 -0.48 18.26
N ALA A 180 4.68 0.60 17.49
CA ALA A 180 4.09 1.81 18.06
C ALA A 180 2.65 1.59 18.47
N ARG A 181 1.94 0.72 17.74
CA ARG A 181 0.50 0.59 17.96
C ARG A 181 0.20 0.10 19.37
N ASN A 182 0.96 -0.86 19.88
CA ASN A 182 0.76 -1.28 21.28
C ASN A 182 0.93 -0.11 22.24
N ALA A 183 1.93 0.73 22.00
CA ALA A 183 2.17 1.83 22.93
C ALA A 183 1.06 2.88 22.83
N ILE A 184 0.59 3.14 21.61
CA ILE A 184 -0.33 4.24 21.34
C ILE A 184 -1.76 3.84 21.61
N CYS A 185 -2.17 2.66 21.16
CA CYS A 185 -3.55 2.22 21.27
C CYS A 185 -3.78 1.19 22.35
N GLY A 186 -2.73 0.67 22.98
CA GLY A 186 -2.86 -0.51 23.80
C GLY A 186 -2.84 -1.76 22.94
N ALA A 187 -2.85 -2.92 23.60
CA ALA A 187 -2.57 -4.18 22.92
C ALA A 187 -3.78 -5.10 22.75
N VAL A 188 -5.00 -4.60 23.00
CA VAL A 188 -6.20 -5.43 22.90
C VAL A 188 -6.39 -5.93 21.46
N VAL A 189 -6.26 -5.05 20.47
CA VAL A 189 -6.46 -5.42 19.06
C VAL A 189 -5.10 -5.70 18.43
N GLN A 190 -4.96 -6.88 17.83
CA GLN A 190 -3.74 -7.37 17.20
C GLN A 190 -4.07 -7.80 15.78
N PRO A 191 -3.08 -7.76 14.87
CA PRO A 191 -3.30 -8.33 13.54
C PRO A 191 -3.69 -9.79 13.64
N LYS A 192 -4.44 -10.27 12.66
CA LYS A 192 -4.88 -11.67 12.69
C LYS A 192 -4.90 -12.26 11.27
N LYS A 193 -4.77 -13.59 11.22
CA LYS A 193 -4.68 -14.31 9.97
C LYS A 193 -6.05 -14.33 9.28
N THR A 194 -6.05 -14.13 7.96
CA THR A 194 -7.30 -14.25 7.22
C THR A 194 -7.59 -15.68 6.76
N GLY A 195 -6.58 -16.54 6.73
CA GLY A 195 -6.73 -17.84 6.13
C GLY A 195 -6.24 -17.92 4.71
N SER A 196 -5.88 -16.76 4.12
CA SER A 196 -5.25 -16.69 2.82
C SER A 196 -3.77 -16.35 2.97
N ALA A 197 -3.02 -16.64 1.91
CA ALA A 197 -1.59 -16.33 1.82
C ALA A 197 -1.32 -15.85 0.40
N ILE A 198 -0.16 -15.22 0.21
CA ILE A 198 0.19 -14.56 -1.05
C ILE A 198 1.63 -14.84 -1.44
N TYR A 199 1.82 -15.08 -2.74
CA TYR A 199 3.13 -15.08 -3.38
C TYR A 199 3.20 -13.85 -4.27
N ARG A 200 4.32 -13.13 -4.21
CA ARG A 200 4.53 -11.89 -4.97
C ARG A 200 5.91 -11.92 -5.60
N SER A 201 5.99 -11.60 -6.90
CA SER A 201 7.27 -11.70 -7.57
C SER A 201 7.39 -10.69 -8.70
N GLY A 202 8.61 -10.19 -8.89
CA GLY A 202 8.96 -9.37 -10.03
C GLY A 202 10.38 -9.70 -10.47
N TYR A 203 10.63 -9.82 -11.77
CA TYR A 203 11.99 -10.10 -12.23
C TYR A 203 12.11 -9.68 -13.69
N ALA A 204 13.33 -9.75 -14.22
CA ALA A 204 13.61 -9.25 -15.56
C ALA A 204 13.12 -10.22 -16.61
N MET A 205 12.49 -9.66 -17.65
CA MET A 205 11.91 -10.48 -18.72
C MET A 205 12.98 -11.27 -19.47
N GLU A 206 14.22 -10.77 -19.49
CA GLU A 206 15.32 -11.53 -20.08
C GLU A 206 15.42 -12.93 -19.48
N GLU A 207 15.02 -13.09 -18.21
CA GLU A 207 15.11 -14.39 -17.57
C GLU A 207 14.07 -15.37 -18.11
N LEU A 208 13.02 -14.85 -18.74
CA LEU A 208 11.88 -15.65 -19.16
C LEU A 208 11.82 -15.83 -20.67
N ARG A 209 12.21 -14.82 -21.44
CA ARG A 209 11.98 -14.82 -22.87
C ARG A 209 12.90 -15.85 -23.52
N GLY A 210 12.33 -16.67 -24.41
CA GLY A 210 12.99 -17.85 -24.94
C GLY A 210 12.36 -19.16 -24.47
N HIS A 211 11.74 -19.15 -23.29
CA HIS A 211 10.97 -20.29 -22.84
C HIS A 211 9.75 -20.49 -23.74
N SER A 212 9.70 -21.64 -24.41
CA SER A 212 8.65 -21.86 -25.39
C SER A 212 7.27 -21.92 -24.76
N GLY A 213 7.18 -22.22 -23.46
CA GLY A 213 5.89 -22.17 -22.81
C GLY A 213 5.44 -20.78 -22.37
N ALA A 214 6.27 -19.76 -22.59
CA ALA A 214 5.98 -18.39 -22.16
C ALA A 214 5.71 -17.47 -23.34
N VAL A 215 5.66 -18.02 -24.56
CA VAL A 215 5.47 -17.20 -25.76
C VAL A 215 4.17 -16.42 -25.73
N TRP A 216 3.13 -16.98 -25.09
CA TRP A 216 1.84 -16.30 -24.98
C TRP A 216 1.98 -14.94 -24.28
N LEU A 217 2.95 -14.81 -23.39
CA LEU A 217 3.24 -13.57 -22.70
C LEU A 217 4.33 -12.75 -23.37
N THR A 218 5.42 -13.41 -23.79
CA THR A 218 6.62 -12.69 -24.22
C THR A 218 6.58 -12.22 -25.68
N GLU A 219 5.72 -12.78 -26.53
CA GLU A 219 5.75 -12.42 -27.94
C GLU A 219 4.51 -11.65 -28.39
N GLY A 220 4.70 -10.89 -29.48
CA GLY A 220 3.61 -10.23 -30.18
C GLY A 220 2.92 -9.09 -29.48
N LYS A 221 3.54 -8.46 -28.47
CA LYS A 221 2.79 -7.47 -27.72
C LYS A 221 3.15 -6.02 -28.05
N GLU A 222 4.10 -5.80 -28.96
CA GLU A 222 4.32 -4.48 -29.58
C GLU A 222 4.42 -3.33 -28.56
N ASP A 223 5.33 -3.48 -27.60
CA ASP A 223 5.71 -2.43 -26.64
C ASP A 223 4.58 -2.03 -25.69
N VAL A 224 3.53 -2.83 -25.55
CA VAL A 224 2.44 -2.57 -24.62
C VAL A 224 2.54 -3.56 -23.47
N ASP A 225 2.51 -3.07 -22.23
CA ASP A 225 2.53 -3.99 -21.10
C ASP A 225 1.20 -4.75 -20.95
N GLN A 226 1.26 -5.87 -20.25
CA GLN A 226 0.12 -6.75 -20.10
C GLN A 226 -0.24 -6.92 -18.62
N LEU A 227 -1.50 -7.24 -18.38
CA LEU A 227 -1.95 -7.59 -17.03
C LEU A 227 -3.04 -8.63 -17.18
N TYR A 228 -2.85 -9.79 -16.57
CA TYR A 228 -3.81 -10.88 -16.61
C TYR A 228 -4.22 -11.26 -15.20
N HIS A 229 -5.50 -11.54 -15.02
CA HIS A 229 -6.02 -12.14 -13.81
C HIS A 229 -6.51 -13.55 -14.16
N PHE A 230 -6.14 -14.53 -13.36
CA PHE A 230 -6.63 -15.90 -13.48
C PHE A 230 -7.37 -16.24 -12.19
N ILE A 231 -8.68 -16.40 -12.28
CA ILE A 231 -9.52 -16.45 -11.11
C ILE A 231 -10.14 -17.83 -11.02
N GLY A 232 -9.75 -18.58 -10.00
CA GLY A 232 -10.32 -19.89 -9.74
C GLY A 232 -10.78 -19.97 -8.30
N LYS A 233 -11.42 -21.09 -7.97
CA LYS A 233 -11.95 -21.23 -6.62
C LYS A 233 -10.80 -21.22 -5.63
N ASP A 234 -10.83 -20.25 -4.73
CA ASP A 234 -9.87 -20.10 -3.63
C ASP A 234 -8.43 -19.84 -4.09
N ILE A 235 -8.19 -19.59 -5.38
CA ILE A 235 -6.85 -19.31 -5.89
C ILE A 235 -6.98 -18.26 -6.99
N THR A 236 -6.21 -17.18 -6.86
CA THR A 236 -6.11 -16.13 -7.87
C THR A 236 -4.66 -15.95 -8.27
N VAL A 237 -4.40 -15.97 -9.58
CA VAL A 237 -3.05 -15.71 -10.08
C VAL A 237 -3.10 -14.47 -10.95
N LEU A 238 -2.13 -13.58 -10.79
CA LEU A 238 -2.00 -12.39 -11.61
C LEU A 238 -0.67 -12.44 -12.31
N VAL A 239 -0.66 -12.01 -13.57
CA VAL A 239 0.57 -12.01 -14.36
C VAL A 239 0.60 -10.70 -15.13
N GLY A 240 1.73 -10.01 -15.10
CA GLY A 240 1.79 -8.73 -15.77
C GLY A 240 3.20 -8.44 -16.25
N THR A 241 3.33 -7.36 -17.01
CA THR A 241 4.65 -6.87 -17.38
C THR A 241 4.76 -5.38 -17.08
N GLY A 242 6.01 -4.90 -17.08
CA GLY A 242 6.25 -3.49 -16.85
C GLY A 242 7.37 -2.96 -17.71
N ARG A 243 7.38 -1.64 -17.85
CA ARG A 243 8.37 -0.90 -18.63
C ARG A 243 8.42 -1.46 -20.06
N ARG A 244 7.22 -1.61 -20.64
CA ARG A 244 7.02 -2.07 -22.01
C ARG A 244 7.78 -3.37 -22.28
N GLY A 245 7.54 -4.36 -21.43
CA GLY A 245 8.06 -5.69 -21.66
C GLY A 245 9.42 -5.96 -21.06
N LYS A 246 10.02 -4.98 -20.37
CA LYS A 246 11.31 -5.20 -19.74
C LYS A 246 11.21 -6.05 -18.45
N ASP A 247 10.12 -5.93 -17.69
CA ASP A 247 9.97 -6.60 -16.40
C ASP A 247 8.76 -7.53 -16.44
N VAL A 248 8.83 -8.65 -15.73
CA VAL A 248 7.69 -9.54 -15.60
C VAL A 248 7.34 -9.63 -14.13
N TYR A 249 6.04 -9.70 -13.84
CA TYR A 249 5.51 -9.76 -12.49
C TYR A 249 4.49 -10.88 -12.40
N TRP A 250 4.45 -11.56 -11.26
CA TRP A 250 3.37 -12.51 -11.04
C TRP A 250 3.13 -12.64 -9.55
N GLY A 251 1.96 -13.15 -9.22
CA GLY A 251 1.63 -13.37 -7.83
C GLY A 251 0.47 -14.33 -7.75
N CYS A 252 0.18 -14.74 -6.53
CA CYS A 252 -0.76 -15.82 -6.26
C CYS A 252 -1.29 -15.61 -4.86
N MET A 253 -2.58 -15.28 -4.74
CA MET A 253 -3.28 -15.28 -3.46
C MET A 253 -4.21 -16.48 -3.38
N HIS A 254 -4.14 -17.19 -2.26
CA HIS A 254 -4.80 -18.48 -2.18
C HIS A 254 -5.20 -18.75 -0.75
N LYS A 255 -6.30 -19.47 -0.59
CA LYS A 255 -6.78 -19.82 0.73
C LYS A 255 -6.04 -21.10 1.10
N SER A 256 -5.48 -21.14 2.31
CA SER A 256 -4.63 -22.27 2.71
C SER A 256 -5.24 -22.99 3.89
N LEU A 257 -5.17 -24.32 3.86
CA LEU A 257 -5.66 -25.10 4.98
C LEU A 257 -4.63 -25.15 6.10
N HIS A 258 -3.38 -25.46 5.76
CA HIS A 258 -2.28 -25.50 6.71
C HIS A 258 -1.27 -24.48 6.22
N ASP A 259 -0.77 -23.66 7.13
CA ASP A 259 0.10 -22.56 6.72
C ASP A 259 1.52 -23.03 6.51
N VAL A 260 2.08 -22.66 5.35
CA VAL A 260 3.51 -22.73 5.13
C VAL A 260 4.09 -21.33 5.16
N SER A 261 3.29 -20.31 4.87
CA SER A 261 3.72 -18.92 4.96
C SER A 261 3.57 -18.43 6.40
N GLU A 262 4.25 -17.33 6.71
CA GLU A 262 4.24 -16.76 8.04
C GLU A 262 3.64 -15.36 7.97
N SER A 263 3.38 -14.78 9.14
CA SER A 263 2.82 -13.43 9.18
C SER A 263 3.82 -12.38 8.71
N TRP A 264 5.12 -12.69 8.72
CA TRP A 264 6.13 -11.80 8.16
C TRP A 264 6.53 -12.30 6.77
N ILE A 265 7.13 -11.40 5.98
CA ILE A 265 7.53 -11.76 4.61
C ILE A 265 8.76 -12.66 4.64
N GLN A 266 8.77 -13.67 3.75
CA GLN A 266 9.86 -14.61 3.55
C GLN A 266 10.19 -14.72 2.06
N VAL A 267 11.44 -15.02 1.74
CA VAL A 267 11.78 -15.42 0.37
C VAL A 267 11.16 -16.78 0.07
N SER A 268 10.55 -16.91 -1.12
CA SER A 268 9.77 -18.09 -1.47
C SER A 268 10.60 -19.12 -2.23
N ASP A 269 10.19 -20.38 -2.08
CA ASP A 269 10.52 -21.43 -3.04
C ASP A 269 9.37 -21.51 -4.03
N VAL A 270 9.61 -21.08 -5.28
CA VAL A 270 8.52 -20.94 -6.22
C VAL A 270 7.89 -22.28 -6.56
N ARG A 271 8.58 -23.38 -6.26
CA ARG A 271 7.99 -24.69 -6.55
C ARG A 271 6.72 -24.91 -5.78
N ARG A 272 6.60 -24.32 -4.59
CA ARG A 272 5.35 -24.38 -3.84
C ARG A 272 4.19 -23.72 -4.58
N ALA A 273 4.44 -22.57 -5.24
CA ALA A 273 3.34 -21.90 -5.94
C ALA A 273 2.92 -22.70 -7.15
N ILE A 274 3.88 -23.31 -7.83
CA ILE A 274 3.56 -24.17 -8.98
C ILE A 274 2.63 -25.30 -8.56
N GLU A 275 2.85 -25.90 -7.38
CA GLU A 275 1.97 -27.00 -6.98
C GLU A 275 0.57 -26.53 -6.68
N LEU A 276 0.40 -25.29 -6.21
CA LEU A 276 -0.94 -24.76 -5.92
C LEU A 276 -1.87 -24.84 -7.12
N ILE A 277 -1.33 -24.62 -8.33
CA ILE A 277 -2.18 -24.58 -9.51
C ILE A 277 -2.14 -25.92 -10.26
N SER A 278 -1.76 -27.00 -9.58
CA SER A 278 -1.62 -28.32 -10.22
C SER A 278 -2.88 -28.78 -10.94
N ASP A 279 -4.05 -28.42 -10.46
CA ASP A 279 -5.30 -28.88 -11.07
C ASP A 279 -5.84 -27.88 -12.08
N TRP A 280 -5.15 -26.78 -12.31
CA TRP A 280 -5.61 -25.79 -13.29
C TRP A 280 -5.25 -26.23 -14.70
N ASN A 281 -6.23 -26.17 -15.60
CA ASN A 281 -5.94 -26.46 -17.00
C ASN A 281 -4.89 -25.50 -17.55
N VAL A 282 -4.94 -24.23 -17.13
CA VAL A 282 -3.99 -23.22 -17.59
C VAL A 282 -2.59 -23.35 -17.02
N ARG A 283 -2.35 -24.26 -16.07
CA ARG A 283 -1.02 -24.36 -15.47
C ARG A 283 0.09 -24.36 -16.51
N ASP A 284 -0.16 -24.94 -17.69
CA ASP A 284 0.89 -24.97 -18.71
C ASP A 284 1.32 -23.55 -19.10
N ARG A 285 0.40 -22.60 -19.08
CA ARG A 285 0.76 -21.22 -19.39
C ARG A 285 1.45 -20.54 -18.21
N LEU A 286 1.09 -20.89 -16.99
CA LEU A 286 1.59 -20.15 -15.83
C LEU A 286 2.87 -20.73 -15.24
N GLU A 287 3.06 -22.05 -15.30
CA GLU A 287 4.25 -22.66 -14.69
C GLU A 287 5.55 -22.04 -15.18
N PRO A 288 5.75 -21.76 -16.48
CA PRO A 288 7.01 -21.12 -16.90
C PRO A 288 7.27 -19.77 -16.25
N ILE A 289 6.24 -18.94 -16.13
CA ILE A 289 6.41 -17.64 -15.47
C ILE A 289 6.89 -17.82 -14.03
N MET A 290 6.28 -18.74 -13.29
CA MET A 290 6.75 -18.97 -11.93
C MET A 290 8.13 -19.62 -11.91
N ALA A 291 8.34 -20.62 -12.76
CA ALA A 291 9.56 -21.42 -12.66
C ALA A 291 10.79 -20.63 -13.07
N CYS A 292 10.66 -19.62 -13.91
CA CYS A 292 11.83 -18.85 -14.30
C CYS A 292 12.21 -17.76 -13.29
N THR A 293 11.48 -17.61 -12.19
CA THR A 293 11.79 -16.62 -11.16
C THR A 293 13.20 -16.85 -10.61
N PRO A 294 14.11 -15.88 -10.69
CA PRO A 294 15.43 -16.09 -10.07
C PRO A 294 15.30 -16.25 -8.56
N GLN A 295 16.21 -17.04 -8.00
CA GLN A 295 16.26 -17.20 -6.55
C GLN A 295 16.24 -15.85 -5.85
N GLY A 296 15.37 -15.71 -4.86
CA GLY A 296 15.30 -14.46 -4.10
C GLY A 296 14.34 -13.42 -4.65
N LYS A 297 13.67 -13.67 -5.79
CA LYS A 297 12.80 -12.68 -6.41
C LYS A 297 11.31 -13.01 -6.25
N CYS A 298 10.98 -14.02 -5.46
CA CYS A 298 9.62 -14.28 -5.07
C CYS A 298 9.52 -14.30 -3.55
N PHE A 299 8.46 -13.71 -3.02
CA PHE A 299 8.25 -13.55 -1.59
C PHE A 299 6.87 -14.06 -1.25
N ASP A 300 6.68 -14.46 0.01
CA ASP A 300 5.35 -14.93 0.39
C ASP A 300 5.11 -14.60 1.85
N HIS A 301 3.83 -14.53 2.19
CA HIS A 301 3.42 -14.22 3.55
C HIS A 301 1.93 -14.51 3.66
N LEU A 302 1.48 -14.74 4.89
CA LEU A 302 0.05 -14.78 5.17
C LEU A 302 -0.58 -13.45 4.83
N VAL A 303 -1.84 -13.47 4.42
CA VAL A 303 -2.62 -12.25 4.32
C VAL A 303 -3.19 -11.95 5.70
N MET A 304 -2.72 -10.88 6.30
CA MET A 304 -3.12 -10.47 7.65
C MET A 304 -4.13 -9.36 7.55
N THR A 305 -5.04 -9.31 8.52
CA THR A 305 -6.03 -8.27 8.64
C THR A 305 -6.01 -7.80 10.09
N MET A 306 -6.87 -6.85 10.41
CA MET A 306 -6.99 -6.36 11.78
C MET A 306 -8.38 -5.79 11.96
N ASP A 307 -9.01 -6.09 13.10
CA ASP A 307 -10.24 -5.40 13.44
C ASP A 307 -10.01 -3.89 13.54
N GLN A 308 -11.09 -3.16 13.37
CA GLN A 308 -11.03 -1.71 13.44
C GLN A 308 -10.58 -1.27 14.84
N LEU A 309 -9.53 -0.46 14.91
CA LEU A 309 -9.06 0.03 16.18
C LEU A 309 -10.07 1.02 16.75
N PRO A 310 -10.40 0.93 18.05
CA PRO A 310 -11.27 1.96 18.64
C PRO A 310 -10.73 3.37 18.46
N SER A 311 -9.40 3.53 18.48
CA SER A 311 -8.75 4.83 18.35
C SER A 311 -7.35 4.66 17.77
N TRP A 312 -6.94 5.60 16.92
CA TRP A 312 -5.57 5.63 16.39
C TRP A 312 -4.65 6.51 17.19
N VAL A 313 -5.15 7.14 18.25
CA VAL A 313 -4.50 8.25 18.92
C VAL A 313 -4.21 7.90 20.37
N SER A 314 -3.08 8.37 20.87
CA SER A 314 -2.62 8.07 22.23
C SER A 314 -3.49 8.74 23.29
N PRO A 315 -3.43 8.27 24.55
CA PRO A 315 -4.29 8.88 25.60
C PRO A 315 -4.11 10.38 25.77
N LYS A 316 -2.90 10.92 25.63
CA LYS A 316 -2.66 12.36 25.74
C LYS A 316 -2.68 13.05 24.37
N HIS A 317 -3.10 12.33 23.33
CA HIS A 317 -3.49 12.87 22.03
C HIS A 317 -2.32 13.47 21.26
N ARG A 318 -1.11 13.06 21.54
CA ARG A 318 0.04 13.56 20.81
C ARG A 318 0.63 12.56 19.82
N MET A 319 0.10 11.35 19.75
CA MET A 319 0.70 10.28 18.96
C MET A 319 -0.43 9.64 18.16
N ILE A 320 -0.16 9.28 16.91
CA ILE A 320 -1.18 8.68 16.07
C ILE A 320 -0.53 7.64 15.18
N VAL A 321 -1.21 6.50 14.99
CA VAL A 321 -0.82 5.52 13.99
C VAL A 321 -1.55 5.83 12.69
N LEU A 322 -0.82 5.75 11.56
CA LEU A 322 -1.38 5.95 10.24
C LEU A 322 -0.89 4.84 9.33
N GLY A 323 -1.46 4.80 8.11
CA GLY A 323 -1.05 3.73 7.21
C GLY A 323 -1.51 2.35 7.66
N ASP A 324 -0.72 1.33 7.28
CA ASP A 324 -1.05 -0.05 7.62
C ASP A 324 -0.98 -0.31 9.11
N ALA A 325 -0.25 0.53 9.86
CA ALA A 325 -0.22 0.39 11.31
C ALA A 325 -1.61 0.59 11.90
N ALA A 326 -2.45 1.39 11.23
CA ALA A 326 -3.77 1.70 11.73
C ALA A 326 -4.86 0.91 11.02
N HIS A 327 -4.76 0.75 9.69
CA HIS A 327 -5.89 0.23 8.91
C HIS A 327 -5.41 -0.59 7.72
N PRO A 328 -4.93 -1.82 7.98
CA PRO A 328 -4.52 -2.68 6.86
C PRO A 328 -5.71 -3.05 6.00
N PHE A 329 -5.46 -3.18 4.70
CA PHE A 329 -6.48 -3.59 3.75
C PHE A 329 -6.09 -4.92 3.13
N LEU A 330 -7.10 -5.68 2.75
CA LEU A 330 -6.86 -6.87 1.96
C LEU A 330 -6.24 -6.48 0.62
N PRO A 331 -5.25 -7.24 0.14
CA PRO A 331 -4.51 -6.85 -1.08
C PRO A 331 -5.36 -6.70 -2.33
N ASN A 332 -6.50 -7.39 -2.40
CA ASN A 332 -7.34 -7.24 -3.59
C ASN A 332 -7.96 -5.86 -3.70
N THR A 333 -7.98 -5.09 -2.61
CA THR A 333 -8.56 -3.75 -2.63
C THR A 333 -7.74 -2.79 -3.48
N GLY A 334 -6.41 -2.95 -3.52
CA GLY A 334 -5.58 -1.99 -4.21
C GLY A 334 -5.68 -0.60 -3.66
N GLN A 335 -5.89 -0.45 -2.36
CA GLN A 335 -6.03 0.86 -1.75
C GLN A 335 -5.05 1.14 -0.62
N GLY A 336 -4.24 0.17 -0.18
CA GLY A 336 -3.39 0.40 0.97
C GLY A 336 -2.43 1.58 0.79
N ALA A 337 -1.70 1.59 -0.33
CA ALA A 337 -0.76 2.68 -0.57
C ALA A 337 -1.50 3.99 -0.83
N ASN A 338 -2.65 3.93 -1.51
CA ASN A 338 -3.45 5.12 -1.77
C ASN A 338 -3.91 5.77 -0.46
N GLN A 339 -4.42 4.96 0.46
CA GLN A 339 -4.93 5.51 1.71
C GLN A 339 -3.79 5.93 2.64
N ALA A 340 -2.64 5.27 2.54
CA ALA A 340 -1.47 5.78 3.23
C ALA A 340 -1.13 7.19 2.75
N ILE A 341 -1.17 7.41 1.44
CA ILE A 341 -0.90 8.74 0.89
C ILE A 341 -1.95 9.74 1.38
N GLU A 342 -3.23 9.36 1.34
CA GLU A 342 -4.28 10.26 1.86
C GLU A 342 -4.04 10.58 3.34
N ASP A 343 -3.61 9.58 4.13
CA ASP A 343 -3.36 9.80 5.55
C ASP A 343 -2.27 10.85 5.75
N GLY A 344 -1.16 10.71 5.02
CA GLY A 344 -0.03 11.63 5.17
C GLY A 344 -0.42 13.05 4.80
N ALA A 345 -1.14 13.21 3.71
CA ALA A 345 -1.55 14.55 3.30
C ALA A 345 -2.51 15.13 4.31
N THR A 346 -3.35 14.30 4.88
CA THR A 346 -4.36 14.79 5.81
C THR A 346 -3.72 15.26 7.11
N VAL A 347 -2.83 14.47 7.68
CA VAL A 347 -2.30 14.85 8.98
C VAL A 347 -1.48 16.14 8.87
N ALA A 348 -0.79 16.36 7.74
CA ALA A 348 -0.02 17.59 7.58
C ALA A 348 -0.93 18.82 7.62
N ILE A 349 -2.10 18.72 7.00
CA ILE A 349 -3.06 19.82 6.97
C ILE A 349 -3.63 20.07 8.36
N CYS A 350 -4.02 19.00 9.06
CA CYS A 350 -4.61 19.16 10.38
C CYS A 350 -3.63 19.82 11.34
N LEU A 351 -2.34 19.48 11.24
CA LEU A 351 -1.36 20.15 12.08
C LEU A 351 -1.22 21.61 11.69
N GLU A 352 -1.14 21.88 10.40
CA GLU A 352 -1.06 23.26 9.92
C GLU A 352 -2.24 24.11 10.41
N LEU A 353 -3.46 23.60 10.27
CA LEU A 353 -4.63 24.39 10.67
C LEU A 353 -4.75 24.50 12.19
N ALA A 354 -4.34 23.46 12.92
CA ALA A 354 -4.39 23.52 14.38
C ALA A 354 -3.36 24.49 14.94
N GLY A 355 -2.16 24.50 14.37
CA GLY A 355 -1.13 25.39 14.84
C GLY A 355 -0.39 24.83 16.04
N LYS A 356 0.76 25.46 16.30
CA LYS A 356 1.68 25.03 17.35
C LYS A 356 1.01 24.87 18.72
N ASN A 357 0.07 25.75 19.05
CA ASN A 357 -0.51 25.75 20.40
C ASN A 357 -1.67 24.79 20.58
N GLN A 358 -2.13 24.14 19.52
CA GLN A 358 -3.24 23.20 19.63
C GLN A 358 -2.95 21.93 18.84
N VAL A 359 -1.71 21.46 18.93
CA VAL A 359 -1.28 20.29 18.17
C VAL A 359 -2.16 19.08 18.46
N THR A 360 -2.51 18.86 19.75
CA THR A 360 -3.36 17.71 20.07
C THR A 360 -4.71 17.78 19.37
N LYS A 361 -5.25 18.99 19.19
CA LYS A 361 -6.51 19.10 18.46
C LYS A 361 -6.33 18.66 17.02
N GLY A 362 -5.21 19.03 16.40
CA GLY A 362 -4.95 18.63 15.02
C GLY A 362 -4.81 17.13 14.88
N VAL A 363 -4.14 16.49 15.84
CA VAL A 363 -4.00 15.03 15.82
C VAL A 363 -5.37 14.36 15.89
N GLN A 364 -6.21 14.82 16.79
CA GLN A 364 -7.53 14.20 16.94
C GLN A 364 -8.41 14.44 15.72
N VAL A 365 -8.33 15.64 15.12
CA VAL A 365 -9.09 15.90 13.91
C VAL A 365 -8.61 15.00 12.78
N ALA A 366 -7.30 14.77 12.67
CA ALA A 366 -6.81 13.92 11.60
C ALA A 366 -7.43 12.53 11.68
N GLU A 367 -7.51 11.95 12.89
CA GLU A 367 -8.16 10.65 13.04
C GLU A 367 -9.63 10.74 12.63
N ARG A 368 -10.35 11.75 13.12
CA ARG A 368 -11.79 11.83 12.82
C ARG A 368 -12.07 11.99 11.33
N LEU A 369 -11.22 12.74 10.61
CA LEU A 369 -11.41 12.92 9.17
C LEU A 369 -11.32 11.60 8.41
N ARG A 370 -10.48 10.67 8.88
CA ARG A 370 -10.14 9.50 8.10
C ARG A 370 -10.86 8.24 8.55
N TYR A 371 -11.33 8.21 9.79
CA TYR A 371 -11.66 6.95 10.45
C TYR A 371 -12.74 6.18 9.70
N GLN A 372 -13.84 6.84 9.35
CA GLN A 372 -14.95 6.11 8.72
C GLN A 372 -14.65 5.77 7.27
N ARG A 373 -13.97 6.66 6.54
CA ARG A 373 -13.61 6.37 5.16
C ARG A 373 -12.81 5.07 5.06
N VAL A 374 -11.73 4.95 5.83
CA VAL A 374 -10.88 3.77 5.69
C VAL A 374 -11.63 2.52 6.13
N ALA A 375 -12.49 2.60 7.15
CA ALA A 375 -13.27 1.44 7.55
C ALA A 375 -14.22 0.99 6.42
N LYS A 376 -14.83 1.93 5.72
CA LYS A 376 -15.69 1.59 4.60
C LYS A 376 -14.90 0.92 3.49
N ILE A 377 -13.65 1.36 3.27
CA ILE A 377 -12.82 0.71 2.25
C ILE A 377 -12.42 -0.70 2.70
N GLN A 378 -12.02 -0.85 3.97
CA GLN A 378 -11.72 -2.18 4.50
C GLN A 378 -12.89 -3.13 4.32
N GLU A 379 -14.11 -2.66 4.60
CA GLU A 379 -15.27 -3.56 4.52
C GLU A 379 -15.56 -3.93 3.07
N LEU A 380 -15.43 -2.98 2.15
CA LEU A 380 -15.55 -3.31 0.73
C LEU A 380 -14.54 -4.37 0.30
N GLY A 381 -13.29 -4.25 0.76
CA GLY A 381 -12.29 -5.24 0.42
C GLY A 381 -12.64 -6.63 0.92
N HIS A 382 -13.21 -6.73 2.12
CA HIS A 382 -13.60 -8.04 2.66
C HIS A 382 -14.74 -8.65 1.84
N ARG A 383 -15.75 -7.86 1.49
CA ARG A 383 -16.85 -8.37 0.66
C ARG A 383 -16.35 -8.83 -0.71
N MET A 384 -15.48 -8.05 -1.34
CA MET A 384 -14.95 -8.42 -2.66
C MET A 384 -14.11 -9.67 -2.61
N LEU A 385 -13.31 -9.85 -1.54
CA LEU A 385 -12.46 -11.02 -1.45
C LEU A 385 -13.28 -12.30 -1.44
N LYS A 386 -14.43 -12.27 -0.75
CA LYS A 386 -15.28 -13.45 -0.69
C LYS A 386 -15.77 -13.83 -2.08
N THR A 387 -16.32 -12.85 -2.81
CA THR A 387 -16.74 -13.10 -4.17
C THR A 387 -15.58 -13.55 -5.05
N LEU A 388 -14.43 -12.90 -4.90
CA LEU A 388 -13.27 -13.26 -5.71
C LEU A 388 -12.85 -14.70 -5.49
N GLN A 389 -12.83 -15.15 -4.25
CA GLN A 389 -12.40 -16.51 -3.98
C GLN A 389 -13.49 -17.56 -4.26
N ASN A 390 -14.77 -17.19 -4.17
CA ASN A 390 -15.84 -18.08 -4.65
C ASN A 390 -15.73 -18.38 -6.13
N ALA A 391 -15.27 -17.41 -6.92
CA ALA A 391 -15.04 -17.59 -8.35
C ALA A 391 -16.27 -18.19 -9.06
N ASP A 392 -17.44 -17.60 -8.80
CA ASP A 392 -18.71 -18.14 -9.30
C ASP A 392 -18.99 -17.56 -10.68
N TRP A 393 -18.36 -18.18 -11.67
CA TRP A 393 -18.39 -17.71 -13.05
C TRP A 393 -19.74 -17.94 -13.74
N ASP A 394 -20.66 -18.67 -13.13
CA ASP A 394 -21.99 -18.92 -13.69
C ASP A 394 -23.04 -18.20 -12.84
N GLY A 395 -23.62 -17.13 -13.39
CA GLY A 395 -24.62 -16.37 -12.67
C GLY A 395 -24.57 -14.88 -12.97
N ASP A 398 -22.98 -9.50 -14.96
CA ASP A 398 -21.56 -9.44 -14.63
C ASP A 398 -21.33 -8.80 -13.27
N GLU A 399 -22.37 -8.14 -12.74
CA GLU A 399 -22.25 -7.54 -11.41
C GLU A 399 -22.28 -8.58 -10.30
N ASP A 400 -22.35 -9.86 -10.65
CA ASP A 400 -22.15 -10.95 -9.72
C ASP A 400 -20.84 -11.69 -9.95
N ALA A 401 -20.13 -11.38 -11.04
CA ALA A 401 -18.94 -12.12 -11.44
C ALA A 401 -17.77 -11.81 -10.51
N PRO A 402 -16.88 -12.77 -10.27
CA PRO A 402 -15.67 -12.49 -9.51
C PRO A 402 -14.81 -11.44 -10.20
N THR A 403 -14.24 -10.54 -9.42
CA THR A 403 -13.43 -9.47 -10.01
C THR A 403 -12.59 -8.87 -8.90
N MET A 404 -11.44 -8.34 -9.29
CA MET A 404 -10.70 -7.44 -8.42
C MET A 404 -10.96 -5.98 -8.70
N ILE A 405 -11.84 -5.67 -9.65
CA ILE A 405 -11.93 -4.33 -10.20
C ILE A 405 -13.28 -3.75 -9.83
N THR A 406 -13.27 -2.81 -8.89
CA THR A 406 -14.42 -1.93 -8.68
C THR A 406 -13.85 -0.53 -8.50
N ARG A 407 -14.43 0.43 -9.22
CA ARG A 407 -13.96 1.81 -9.21
C ARG A 407 -15.08 2.75 -8.78
N PRO A 408 -15.55 2.64 -7.54
CA PRO A 408 -16.63 3.55 -7.10
C PRO A 408 -16.12 4.97 -6.97
N ALA A 409 -16.97 5.91 -7.37
CA ALA A 409 -16.62 7.32 -7.30
C ALA A 409 -16.32 7.76 -5.88
N TRP A 410 -17.02 7.20 -4.89
CA TRP A 410 -16.75 7.68 -3.55
C TRP A 410 -15.33 7.38 -3.12
N ILE A 411 -14.66 6.41 -3.76
CA ILE A 411 -13.24 6.19 -3.51
C ILE A 411 -12.40 7.07 -4.42
N TYR A 412 -12.62 6.92 -5.74
CA TYR A 412 -11.66 7.43 -6.72
C TYR A 412 -11.76 8.93 -6.95
N SER A 413 -12.91 9.54 -6.67
CA SER A 413 -13.12 10.97 -6.88
C SER A 413 -12.90 11.78 -5.62
N HIS A 414 -12.54 11.12 -4.53
CA HIS A 414 -12.38 11.81 -3.27
C HIS A 414 -11.10 12.64 -3.31
N ASP A 415 -11.16 13.88 -2.80
CA ASP A 415 -9.98 14.72 -2.68
C ASP A 415 -9.71 14.96 -1.19
N CYS A 416 -8.70 14.25 -0.66
CA CYS A 416 -8.52 14.23 0.79
C CYS A 416 -8.08 15.59 1.31
N GLN A 417 -7.35 16.35 0.49
CA GLN A 417 -6.87 17.64 0.97
C GLN A 417 -8.00 18.65 1.02
N GLN A 418 -8.80 18.72 -0.04
CA GLN A 418 -9.98 19.58 -0.01
C GLN A 418 -10.92 19.21 1.14
N TYR A 419 -11.06 17.91 1.39
CA TYR A 419 -11.92 17.45 2.46
C TYR A 419 -11.43 17.95 3.81
N ALA A 420 -10.12 17.84 4.04
CA ALA A 420 -9.54 18.30 5.31
C ALA A 420 -9.72 19.81 5.47
N TYR A 421 -9.40 20.59 4.44
CA TYR A 421 -9.55 22.03 4.55
C TYR A 421 -11.02 22.41 4.77
N ASN A 422 -11.92 21.67 4.14
CA ASN A 422 -13.34 21.98 4.25
C ASN A 422 -13.91 21.60 5.61
N GLU A 423 -13.47 20.48 6.17
CA GLU A 423 -14.11 19.96 7.36
C GLU A 423 -13.37 20.29 8.64
N PHE A 424 -12.14 20.83 8.56
CA PHE A 424 -11.34 20.94 9.78
C PHE A 424 -12.09 21.69 10.88
N GLN A 425 -12.61 22.88 10.55
CA GLN A 425 -13.18 23.76 11.58
C GLN A 425 -14.36 23.09 12.29
N THR A 426 -15.25 22.45 11.52
CA THR A 426 -16.36 21.70 12.08
C THR A 426 -15.87 20.58 13.00
N VAL A 427 -14.96 19.75 12.51
CA VAL A 427 -14.51 18.62 13.30
C VAL A 427 -13.74 19.08 14.52
N ALA A 428 -12.95 20.14 14.39
CA ALA A 428 -12.17 20.67 15.50
C ALA A 428 -13.08 21.22 16.60
N GLN A 429 -14.18 21.84 16.21
CA GLN A 429 -15.16 22.31 17.19
C GLN A 429 -15.72 21.13 17.97
N LEU A 430 -16.07 20.04 17.29
CA LEU A 430 -16.57 18.87 17.99
C LEU A 430 -15.53 18.27 18.92
N VAL A 431 -14.27 18.21 18.47
CA VAL A 431 -13.19 17.71 19.31
C VAL A 431 -13.02 18.60 20.54
N SER A 432 -13.08 19.91 20.36
CA SER A 432 -12.82 20.81 21.48
C SER A 432 -13.90 20.72 22.54
N GLU A 433 -15.08 20.23 22.18
CA GLU A 433 -16.16 20.00 23.13
C GLU A 433 -16.40 18.50 23.26
#